data_5EVL
#
_entry.id   5EVL
#
_cell.length_a   45.604
_cell.length_b   59.262
_cell.length_c   59.267
_cell.angle_alpha   90.00
_cell.angle_beta   98.18
_cell.angle_gamma   90.00
#
_symmetry.space_group_name_H-M   'P 1 21 1'
#
loop_
_entity.id
_entity.type
_entity.pdbx_description
1 polymer Beta-lactamase
2 non-polymer 'SULFATE ION'
3 non-polymer 'CHLORIDE ION'
4 non-polymer GLYCEROL
5 water water
#
_entity_poly.entity_id   1
_entity_poly.type   'polypeptide(L)'
_entity_poly.pdbx_seq_one_letter_code
;SNAANDAGKSDLDAAVEATIPPL(MSE)KAKDIPG(MSE)AVAVLADGKAHYFNYGVASRETGQPVTQDTLFELGSISKT
FTGILGGYALAQGKLSLADKASRYQPELKGSVFDRVSLLQLATYSAGGLPLQFPDAVAGQAS(MSE)LAYYRGWKPDYAP
GERRLYSNPSIGLFGHLAARSLGQPFDQA(MSE)ERGLLPKLGLSHTFIHVPEAEQSRYAWGYAKAGKPIRVGAGVLDAE
AYGIKSSAADLLKYLAIN(MSE)SPPADPALQRALDASHAAYYRVGD(MSE)RQGLGWEGYRYPISLERLLAGNSNEIAF
QPQKVEWLNPPRLAEGDVLLNKTGSTSGFGAYVLFVPARKVGIV(MSE)LANRNYPNAERVRAAYRILSAVDPSLVRRRG
D
;
_entity_poly.pdbx_strand_id   A
#
# COMPACT_ATOMS: atom_id res chain seq x y z
N ASP A 6 -5.01 28.27 12.49
CA ASP A 6 -3.94 28.13 13.48
C ASP A 6 -4.33 27.13 14.57
N ALA A 7 -5.63 27.06 14.87
CA ALA A 7 -6.11 26.09 15.84
C ALA A 7 -5.86 24.66 15.38
N GLY A 8 -6.10 24.39 14.09
CA GLY A 8 -5.86 23.07 13.56
C GLY A 8 -4.40 22.68 13.59
N LYS A 9 -3.51 23.61 13.25
CA LYS A 9 -2.08 23.32 13.31
C LYS A 9 -1.63 23.06 14.74
N SER A 10 -2.13 23.85 15.69
CA SER A 10 -1.83 23.59 17.10
C SER A 10 -2.30 22.21 17.52
N ASP A 11 -3.51 21.83 17.10
CA ASP A 11 -4.05 20.51 17.43
C ASP A 11 -3.20 19.41 16.83
N LEU A 12 -2.78 19.58 15.57
CA LEU A 12 -1.92 18.60 14.92
C LEU A 12 -0.61 18.44 15.67
N ASP A 13 0.04 19.58 16.00
CA ASP A 13 1.29 19.53 16.75
C ASP A 13 1.13 18.77 18.05
N ALA A 14 0.05 19.04 18.78
CA ALA A 14 -0.16 18.40 20.07
C ALA A 14 -0.42 16.91 19.90
N ALA A 15 -1.20 16.54 18.89
CA ALA A 15 -1.50 15.13 18.67
C ALA A 15 -0.25 14.33 18.33
N VAL A 16 0.63 14.88 17.48
CA VAL A 16 1.88 14.20 17.19
C VAL A 16 2.73 14.08 18.44
N GLU A 17 2.84 15.16 19.22
N GLU A 17 2.84 15.16 19.22
CA GLU A 17 3.65 15.12 20.45
CA GLU A 17 3.63 15.13 20.44
C GLU A 17 3.07 14.14 21.45
C GLU A 17 3.07 14.16 21.47
N ALA A 18 1.75 13.99 21.51
CA ALA A 18 1.13 13.10 22.46
C ALA A 18 1.20 11.64 22.05
N THR A 19 1.44 11.35 20.77
N THR A 19 1.54 11.37 20.80
CA THR A 19 1.40 9.98 20.27
CA THR A 19 1.38 10.03 20.25
C THR A 19 2.77 9.43 19.90
C THR A 19 2.66 9.41 19.75
N ILE A 20 3.56 10.18 19.15
CA ILE A 20 4.76 9.59 18.55
C ILE A 20 5.88 9.38 19.58
N PRO A 21 6.26 10.36 20.39
CA PRO A 21 7.31 10.09 21.38
C PRO A 21 6.96 8.94 22.31
N PRO A 22 5.73 8.87 22.87
CA PRO A 22 5.42 7.73 23.74
C PRO A 22 5.49 6.39 23.03
N LEU A 23 5.07 6.34 21.77
CA LEU A 23 5.15 5.10 21.00
C LEU A 23 6.60 4.67 20.83
N LYS A 25 9.15 5.42 22.67
CA LYS A 25 9.71 4.98 23.95
C LYS A 25 9.22 3.59 24.32
N ALA A 26 7.92 3.33 24.16
CA ALA A 26 7.36 2.03 24.53
C ALA A 26 7.93 0.90 23.68
N LYS A 27 8.12 1.15 22.39
CA LYS A 27 8.54 0.10 21.45
C LYS A 27 10.01 0.17 21.06
N ASP A 28 10.79 1.07 21.67
CA ASP A 28 12.22 1.22 21.40
C ASP A 28 12.48 1.40 19.91
N ILE A 29 11.73 2.30 19.29
CA ILE A 29 11.87 2.61 17.88
C ILE A 29 13.01 3.60 17.71
N PRO A 30 14.05 3.29 16.92
CA PRO A 30 15.21 4.21 16.86
C PRO A 30 14.89 5.53 16.17
N GLY A 31 14.09 5.49 15.11
CA GLY A 31 13.77 6.71 14.37
C GLY A 31 12.44 6.60 13.66
N ALA A 33 9.93 9.07 10.80
CA ALA A 33 9.55 10.24 10.02
C ALA A 33 8.03 10.22 9.90
N VAL A 34 7.39 11.29 10.35
CA VAL A 34 5.95 11.47 10.23
C VAL A 34 5.70 12.66 9.33
N ALA A 35 4.75 12.54 8.42
CA ALA A 35 4.40 13.64 7.55
C ALA A 35 2.90 13.71 7.42
N VAL A 36 2.34 14.92 7.53
CA VAL A 36 0.90 15.12 7.47
C VAL A 36 0.62 16.19 6.44
N LEU A 37 -0.30 15.89 5.53
CA LEU A 37 -0.80 16.87 4.58
C LEU A 37 -2.19 17.29 5.03
N ALA A 38 -2.39 18.60 5.21
CA ALA A 38 -3.70 19.13 5.59
C ALA A 38 -3.75 20.60 5.19
N ASP A 39 -4.91 21.02 4.70
N ASP A 39 -4.91 21.02 4.67
CA ASP A 39 -5.15 22.39 4.24
CA ASP A 39 -5.13 22.40 4.27
C ASP A 39 -4.06 22.84 3.25
C ASP A 39 -4.13 22.86 3.21
N GLY A 40 -3.70 21.94 2.35
CA GLY A 40 -2.74 22.25 1.31
C GLY A 40 -1.31 22.42 1.76
N LYS A 41 -0.98 22.13 3.01
CA LYS A 41 0.36 22.32 3.54
C LYS A 41 0.91 21.00 4.06
N ALA A 42 2.19 20.75 3.79
CA ALA A 42 2.88 19.60 4.34
C ALA A 42 3.52 19.95 5.67
N HIS A 43 3.40 19.03 6.63
CA HIS A 43 3.95 19.19 7.97
C HIS A 43 4.81 17.96 8.27
N TYR A 44 6.06 18.20 8.65
CA TYR A 44 7.02 17.12 8.86
C TYR A 44 7.45 17.08 10.32
N PHE A 45 7.44 15.88 10.89
CA PHE A 45 7.82 15.65 12.27
C PHE A 45 8.82 14.51 12.27
N ASN A 46 10.06 14.81 12.62
CA ASN A 46 11.14 13.83 12.55
C ASN A 46 11.71 13.57 13.94
N TYR A 47 11.93 12.30 14.23
CA TYR A 47 12.37 11.89 15.55
C TYR A 47 13.48 10.85 15.46
N GLY A 48 14.47 10.98 16.33
CA GLY A 48 15.44 9.91 16.45
C GLY A 48 16.40 9.81 15.28
N VAL A 49 16.91 8.60 15.06
CA VAL A 49 18.06 8.37 14.20
C VAL A 49 17.73 7.35 13.12
N ALA A 50 18.27 7.59 11.92
CA ALA A 50 18.17 6.62 10.83
C ALA A 50 19.08 5.42 11.08
N SER A 51 20.16 5.63 11.85
CA SER A 51 21.09 4.57 12.20
C SER A 51 21.54 4.76 13.64
N ARG A 52 21.36 3.71 14.45
N ARG A 52 21.37 3.71 14.46
CA ARG A 52 21.90 3.72 15.81
CA ARG A 52 21.89 3.74 15.82
C ARG A 52 23.42 3.73 15.81
C ARG A 52 23.41 3.65 15.85
N GLU A 53 24.04 3.20 14.76
CA GLU A 53 25.48 3.07 14.73
C GLU A 53 26.16 4.40 14.43
N THR A 54 25.57 5.22 13.56
CA THR A 54 26.18 6.50 13.18
C THR A 54 25.51 7.71 13.81
N GLY A 55 24.30 7.56 14.35
CA GLY A 55 23.59 8.69 14.89
C GLY A 55 22.99 9.63 13.86
N GLN A 56 23.01 9.26 12.59
N GLN A 56 23.03 9.27 12.59
CA GLN A 56 22.46 10.11 11.54
CA GLN A 56 22.46 10.10 11.54
C GLN A 56 20.99 10.41 11.82
C GLN A 56 20.99 10.41 11.87
N PRO A 57 20.60 11.68 11.93
CA PRO A 57 19.20 11.99 12.24
C PRO A 57 18.24 11.64 11.12
N VAL A 58 17.03 11.24 11.53
CA VAL A 58 15.92 11.12 10.59
C VAL A 58 15.52 12.51 10.10
N THR A 59 15.30 12.63 8.79
CA THR A 59 14.68 13.79 8.18
C THR A 59 13.56 13.33 7.27
N GLN A 60 12.82 14.29 6.71
N GLN A 60 12.84 14.31 6.70
CA GLN A 60 11.78 13.89 5.76
CA GLN A 60 11.80 14.02 5.72
C GLN A 60 12.35 13.38 4.44
C GLN A 60 12.35 13.37 4.46
N ASP A 61 13.67 13.38 4.27
CA ASP A 61 14.31 12.80 3.09
C ASP A 61 14.94 11.44 3.36
N THR A 62 14.97 10.99 4.61
CA THR A 62 15.45 9.65 4.93
C THR A 62 14.63 8.59 4.21
N LEU A 63 15.32 7.61 3.61
CA LEU A 63 14.65 6.51 2.93
C LEU A 63 14.39 5.34 3.89
N PHE A 64 13.14 4.86 3.89
CA PHE A 64 12.72 3.72 4.68
C PHE A 64 12.18 2.63 3.76
N GLU A 65 12.27 1.37 4.21
CA GLU A 65 11.57 0.31 3.50
C GLU A 65 10.07 0.41 3.79
N LEU A 66 9.26 0.31 2.72
CA LEU A 66 7.81 0.44 2.84
C LEU A 66 7.09 -0.89 3.01
N GLY A 67 7.77 -2.02 2.77
CA GLY A 67 7.10 -3.31 2.84
C GLY A 67 5.85 -3.30 1.97
N SER A 68 4.74 -3.76 2.53
CA SER A 68 3.54 -4.02 1.73
C SER A 68 2.84 -2.76 1.21
N ILE A 69 3.24 -1.56 1.64
CA ILE A 69 2.73 -0.40 0.93
C ILE A 69 3.15 -0.46 -0.55
N SER A 70 4.21 -1.21 -0.86
CA SER A 70 4.56 -1.49 -2.25
C SER A 70 3.39 -2.04 -3.04
N LYS A 71 2.50 -2.81 -2.39
CA LYS A 71 1.34 -3.37 -3.07
C LYS A 71 0.40 -2.30 -3.63
N THR A 72 0.37 -1.09 -3.03
CA THR A 72 -0.44 -0.03 -3.60
C THR A 72 0.16 0.49 -4.90
N PHE A 73 1.50 0.58 -4.98
CA PHE A 73 2.15 0.94 -6.24
C PHE A 73 1.87 -0.11 -7.31
N THR A 74 1.95 -1.39 -6.93
CA THR A 74 1.65 -2.48 -7.85
C THR A 74 0.21 -2.39 -8.34
N GLY A 75 -0.71 -2.03 -7.45
CA GLY A 75 -2.09 -1.90 -7.87
C GLY A 75 -2.29 -0.78 -8.87
N ILE A 76 -1.58 0.34 -8.67
CA ILE A 76 -1.68 1.45 -9.63
C ILE A 76 -1.07 1.05 -10.97
N LEU A 77 0.03 0.27 -10.94
CA LEU A 77 0.60 -0.19 -12.20
C LEU A 77 -0.39 -1.06 -12.96
N GLY A 78 -1.07 -1.97 -12.24
CA GLY A 78 -2.10 -2.76 -12.88
C GLY A 78 -3.25 -1.90 -13.39
N GLY A 79 -3.62 -0.87 -12.63
CA GLY A 79 -4.62 0.07 -13.11
C GLY A 79 -4.18 0.81 -14.35
N TYR A 80 -2.87 1.07 -14.47
CA TYR A 80 -2.37 1.80 -15.64
C TYR A 80 -2.44 0.92 -16.89
N ALA A 81 -2.06 -0.36 -16.74
CA ALA A 81 -2.21 -1.28 -17.86
C ALA A 81 -3.69 -1.41 -18.27
N LEU A 82 -4.58 -1.46 -17.29
CA LEU A 82 -6.02 -1.43 -17.57
C LEU A 82 -6.41 -0.17 -18.33
N ALA A 83 -5.95 0.99 -17.84
CA ALA A 83 -6.31 2.28 -18.45
C ALA A 83 -5.85 2.36 -19.90
N GLN A 84 -4.73 1.71 -20.22
N GLN A 84 -4.73 1.72 -20.24
CA GLN A 84 -4.17 1.71 -21.58
CA GLN A 84 -4.25 1.77 -21.61
C GLN A 84 -4.72 0.57 -22.43
C GLN A 84 -4.86 0.69 -22.49
N GLY A 85 -5.72 -0.15 -21.93
CA GLY A 85 -6.32 -1.23 -22.70
C GLY A 85 -5.42 -2.42 -22.90
N LYS A 86 -4.37 -2.57 -22.08
CA LYS A 86 -3.43 -3.67 -22.21
C LYS A 86 -3.84 -4.90 -21.42
N LEU A 87 -4.76 -4.75 -20.47
CA LEU A 87 -5.32 -5.89 -19.76
C LEU A 87 -6.75 -5.56 -19.35
N SER A 88 -7.47 -6.60 -18.97
CA SER A 88 -8.78 -6.49 -18.37
C SER A 88 -8.77 -7.30 -17.08
N LEU A 89 -9.39 -6.75 -16.02
CA LEU A 89 -9.31 -7.44 -14.73
C LEU A 89 -10.04 -8.77 -14.76
N ALA A 90 -11.03 -8.92 -15.64
CA ALA A 90 -11.78 -10.17 -15.71
C ALA A 90 -11.08 -11.24 -16.53
N ASP A 91 -9.96 -10.91 -17.19
CA ASP A 91 -9.25 -11.90 -18.01
C ASP A 91 -8.61 -12.97 -17.14
N LYS A 92 -8.44 -14.16 -17.71
CA LYS A 92 -7.75 -15.23 -17.03
C LYS A 92 -6.25 -14.96 -17.01
N ALA A 93 -5.59 -15.36 -15.92
CA ALA A 93 -4.18 -15.02 -15.72
C ALA A 93 -3.29 -15.59 -16.82
N SER A 94 -3.57 -16.81 -17.27
CA SER A 94 -2.69 -17.47 -18.25
C SER A 94 -2.68 -16.76 -19.59
N ARG A 95 -3.65 -15.89 -19.86
N ARG A 95 -3.64 -15.88 -19.85
CA ARG A 95 -3.63 -15.10 -21.08
CA ARG A 95 -3.63 -15.09 -21.07
C ARG A 95 -2.36 -14.24 -21.18
C ARG A 95 -2.39 -14.21 -21.17
N TYR A 96 -1.75 -13.91 -20.05
CA TYR A 96 -0.64 -12.97 -19.99
C TYR A 96 0.71 -13.63 -19.79
N GLN A 97 0.75 -14.95 -19.64
CA GLN A 97 2.00 -15.70 -19.51
C GLN A 97 1.75 -17.07 -20.10
N PRO A 98 2.24 -17.33 -21.34
CA PRO A 98 2.00 -18.64 -21.97
C PRO A 98 2.43 -19.82 -21.11
N GLU A 99 3.53 -19.66 -20.36
CA GLU A 99 4.01 -20.76 -19.54
C GLU A 99 2.99 -21.17 -18.48
N LEU A 100 2.02 -20.31 -18.16
CA LEU A 100 0.96 -20.67 -17.23
C LEU A 100 -0.20 -21.40 -17.89
N LYS A 101 -0.24 -21.45 -19.23
CA LYS A 101 -1.33 -22.13 -19.90
C LYS A 101 -1.29 -23.62 -19.61
N GLY A 102 -2.45 -24.20 -19.33
CA GLY A 102 -2.57 -25.59 -18.92
C GLY A 102 -2.69 -25.79 -17.42
N SER A 103 -2.50 -24.75 -16.63
CA SER A 103 -2.57 -24.82 -15.18
C SER A 103 -3.91 -24.26 -14.71
N VAL A 104 -4.07 -24.21 -13.38
CA VAL A 104 -5.27 -23.64 -12.79
C VAL A 104 -5.41 -22.16 -13.13
N PHE A 105 -4.33 -21.52 -13.56
CA PHE A 105 -4.45 -20.11 -13.88
C PHE A 105 -5.12 -19.85 -15.22
N ASP A 106 -5.51 -20.91 -15.96
CA ASP A 106 -6.53 -20.80 -16.98
C ASP A 106 -7.90 -20.45 -16.41
N ARG A 107 -8.10 -20.59 -15.09
CA ARG A 107 -9.41 -20.43 -14.48
C ARG A 107 -9.42 -19.38 -13.38
N VAL A 108 -8.32 -18.65 -13.19
CA VAL A 108 -8.23 -17.61 -12.18
C VAL A 108 -8.07 -16.27 -12.91
N SER A 109 -8.81 -15.27 -12.47
CA SER A 109 -8.80 -13.96 -13.11
C SER A 109 -7.71 -13.07 -12.52
N LEU A 110 -7.33 -12.05 -13.29
CA LEU A 110 -6.40 -11.06 -12.77
C LEU A 110 -6.95 -10.38 -11.52
N LEU A 111 -8.26 -10.10 -11.51
CA LEU A 111 -8.87 -9.48 -10.33
C LEU A 111 -8.71 -10.34 -9.10
N GLN A 112 -8.88 -11.66 -9.26
CA GLN A 112 -8.71 -12.55 -8.12
C GLN A 112 -7.27 -12.54 -7.63
N LEU A 113 -6.30 -12.53 -8.54
CA LEU A 113 -4.91 -12.45 -8.11
C LEU A 113 -4.65 -11.16 -7.35
N ALA A 114 -5.11 -10.03 -7.91
CA ALA A 114 -4.85 -8.73 -7.32
C ALA A 114 -5.43 -8.61 -5.93
N THR A 115 -6.56 -9.29 -5.66
CA THR A 115 -7.29 -9.16 -4.41
C THR A 115 -7.19 -10.40 -3.54
N TYR A 116 -6.16 -11.23 -3.76
CA TYR A 116 -5.82 -12.34 -2.87
C TYR A 116 -6.93 -13.38 -2.78
N SER A 117 -7.71 -13.54 -3.86
CA SER A 117 -8.91 -14.37 -3.79
C SER A 117 -8.90 -15.49 -4.84
N ALA A 118 -7.71 -15.90 -5.30
CA ALA A 118 -7.61 -16.94 -6.33
C ALA A 118 -7.95 -18.32 -5.81
N GLY A 119 -7.94 -18.54 -4.50
CA GLY A 119 -8.29 -19.86 -3.98
C GLY A 119 -7.34 -20.42 -2.95
N GLY A 120 -6.64 -19.56 -2.23
CA GLY A 120 -5.78 -19.97 -1.14
C GLY A 120 -4.29 -19.93 -1.38
N LEU A 121 -3.82 -19.17 -2.37
CA LEU A 121 -2.40 -18.92 -2.47
C LEU A 121 -1.88 -18.41 -1.13
N PRO A 122 -0.73 -18.88 -0.68
CA PRO A 122 -0.31 -18.64 0.70
C PRO A 122 0.30 -17.26 0.88
N LEU A 123 0.53 -16.93 2.15
CA LEU A 123 1.12 -15.65 2.51
C LEU A 123 2.43 -15.41 1.77
N GLN A 124 3.32 -16.42 1.78
CA GLN A 124 4.62 -16.33 1.14
C GLN A 124 4.85 -17.55 0.26
N PHE A 125 5.76 -17.40 -0.71
CA PHE A 125 6.18 -18.56 -1.48
C PHE A 125 6.75 -19.63 -0.57
N PRO A 126 6.53 -20.91 -0.86
CA PRO A 126 7.32 -21.97 -0.22
C PRO A 126 8.77 -21.84 -0.65
N ASP A 127 9.67 -22.39 0.17
CA ASP A 127 11.09 -22.19 -0.11
C ASP A 127 11.53 -22.87 -1.40
N ALA A 128 10.73 -23.81 -1.93
CA ALA A 128 11.01 -24.45 -3.20
C ALA A 128 11.11 -23.45 -4.34
N VAL A 129 10.63 -22.23 -4.12
CA VAL A 129 10.62 -21.16 -5.12
C VAL A 129 11.84 -20.29 -4.88
N ALA A 130 12.85 -20.43 -5.74
CA ALA A 130 14.09 -19.68 -5.62
C ALA A 130 14.38 -18.80 -6.84
N GLY A 131 13.61 -18.91 -7.90
CA GLY A 131 13.79 -18.06 -9.05
C GLY A 131 12.67 -18.28 -10.05
N GLN A 132 12.87 -17.75 -11.26
CA GLN A 132 11.80 -17.71 -12.25
C GLN A 132 11.27 -19.10 -12.60
N ALA A 133 12.19 -20.06 -12.83
CA ALA A 133 11.75 -21.37 -13.28
C ALA A 133 11.02 -22.13 -12.17
N SER A 134 11.56 -22.09 -10.94
CA SER A 134 10.85 -22.72 -9.84
C SER A 134 9.57 -21.98 -9.49
N LEU A 136 7.56 -20.48 -11.76
CA LEU A 136 6.59 -20.96 -12.73
C LEU A 136 6.16 -22.39 -12.41
N ALA A 137 7.10 -23.24 -12.01
CA ALA A 137 6.75 -24.62 -11.68
C ALA A 137 5.82 -24.66 -10.48
N TYR A 138 6.04 -23.76 -9.52
CA TYR A 138 5.16 -23.70 -8.36
C TYR A 138 3.75 -23.32 -8.77
N TYR A 139 3.60 -22.25 -9.54
CA TYR A 139 2.27 -21.84 -9.98
C TYR A 139 1.62 -22.94 -10.82
N ARG A 140 2.39 -23.57 -11.71
CA ARG A 140 1.82 -24.60 -12.57
C ARG A 140 1.32 -25.79 -11.77
N GLY A 141 1.98 -26.09 -10.65
CA GLY A 141 1.59 -27.21 -9.81
C GLY A 141 0.67 -26.88 -8.67
N TRP A 142 0.33 -25.60 -8.47
CA TRP A 142 -0.50 -25.21 -7.33
C TRP A 142 -1.92 -25.74 -7.48
N LYS A 143 -2.47 -26.23 -6.37
CA LYS A 143 -3.84 -26.74 -6.32
C LYS A 143 -4.63 -25.92 -5.31
N PRO A 144 -5.70 -25.26 -5.73
CA PRO A 144 -6.43 -24.37 -4.81
C PRO A 144 -7.12 -25.12 -3.69
N ASP A 145 -7.24 -24.44 -2.55
CA ASP A 145 -8.04 -24.94 -1.43
C ASP A 145 -9.48 -24.50 -1.51
N TYR A 146 -9.77 -23.42 -2.22
CA TYR A 146 -11.11 -22.86 -2.36
C TYR A 146 -11.33 -22.54 -3.83
N ALA A 147 -12.60 -22.50 -4.23
CA ALA A 147 -12.93 -22.07 -5.58
C ALA A 147 -12.53 -20.61 -5.78
N PRO A 148 -12.21 -20.21 -7.01
CA PRO A 148 -11.82 -18.82 -7.25
C PRO A 148 -12.89 -17.84 -6.77
N GLY A 149 -12.45 -16.80 -6.08
CA GLY A 149 -13.36 -15.78 -5.60
C GLY A 149 -14.05 -16.07 -4.30
N GLU A 150 -13.90 -17.28 -3.73
CA GLU A 150 -14.65 -17.63 -2.53
C GLU A 150 -14.02 -17.12 -1.24
N ARG A 151 -12.70 -16.97 -1.16
CA ARG A 151 -12.05 -16.55 0.07
C ARG A 151 -10.91 -15.61 -0.23
N ARG A 152 -10.75 -14.59 0.62
CA ARG A 152 -9.57 -13.74 0.63
C ARG A 152 -8.54 -14.32 1.58
N LEU A 153 -7.33 -14.58 1.08
CA LEU A 153 -6.20 -14.94 1.92
C LEU A 153 -5.02 -14.07 1.49
N TYR A 154 -4.69 -13.09 2.34
CA TYR A 154 -3.63 -12.13 2.02
C TYR A 154 -2.38 -12.87 1.59
N SER A 155 -1.82 -12.49 0.43
CA SER A 155 -0.87 -13.36 -0.24
C SER A 155 0.09 -12.56 -1.13
N ASN A 156 1.39 -12.69 -0.85
CA ASN A 156 2.39 -12.13 -1.75
C ASN A 156 2.45 -12.85 -3.09
N PRO A 157 2.47 -14.19 -3.17
CA PRO A 157 2.40 -14.84 -4.49
C PRO A 157 1.21 -14.39 -5.33
N SER A 158 0.08 -14.06 -4.69
CA SER A 158 -1.11 -13.68 -5.44
C SER A 158 -0.95 -12.30 -6.09
N ILE A 159 -0.81 -11.24 -5.29
CA ILE A 159 -0.67 -9.92 -5.88
C ILE A 159 0.67 -9.78 -6.60
N GLY A 160 1.69 -10.54 -6.19
CA GLY A 160 2.93 -10.53 -6.92
C GLY A 160 2.76 -11.00 -8.36
N LEU A 161 2.03 -12.11 -8.53
CA LEU A 161 1.77 -12.57 -9.89
C LEU A 161 0.95 -11.55 -10.68
N PHE A 162 -0.04 -10.93 -10.03
CA PHE A 162 -0.78 -9.85 -10.68
C PHE A 162 0.14 -8.77 -11.21
N GLY A 163 1.08 -8.31 -10.39
CA GLY A 163 1.97 -7.24 -10.84
C GLY A 163 2.90 -7.69 -11.95
N HIS A 164 3.39 -8.93 -11.85
CA HIS A 164 4.21 -9.51 -12.90
C HIS A 164 3.47 -9.56 -14.23
N LEU A 165 2.22 -10.01 -14.20
CA LEU A 165 1.43 -10.10 -15.44
C LEU A 165 1.06 -8.72 -15.97
N ALA A 166 0.77 -7.77 -15.08
CA ALA A 166 0.51 -6.40 -15.52
C ALA A 166 1.71 -5.84 -16.25
N ALA A 167 2.92 -6.08 -15.71
CA ALA A 167 4.12 -5.62 -16.38
C ALA A 167 4.29 -6.30 -17.74
N ARG A 168 4.04 -7.61 -17.80
CA ARG A 168 4.12 -8.31 -19.08
C ARG A 168 3.15 -7.70 -20.10
N SER A 169 1.95 -7.35 -19.66
CA SER A 169 0.98 -6.75 -20.58
C SER A 169 1.48 -5.42 -21.12
N LEU A 170 2.34 -4.73 -20.37
CA LEU A 170 2.97 -3.50 -20.80
C LEU A 170 4.25 -3.72 -21.59
N GLY A 171 4.68 -4.97 -21.75
CA GLY A 171 5.85 -5.30 -22.53
C GLY A 171 7.18 -5.09 -21.84
N GLN A 172 7.21 -5.06 -20.50
CA GLN A 172 8.40 -4.73 -19.73
C GLN A 172 8.53 -5.62 -18.52
N PRO A 173 9.76 -5.88 -18.06
CA PRO A 173 9.95 -6.43 -16.71
C PRO A 173 9.35 -5.48 -15.68
N PHE A 174 8.86 -6.05 -14.57
CA PHE A 174 8.19 -5.23 -13.56
C PHE A 174 9.09 -4.11 -13.06
N ASP A 175 10.34 -4.42 -12.71
CA ASP A 175 11.23 -3.39 -12.17
C ASP A 175 11.35 -2.23 -13.13
N GLN A 176 11.39 -2.51 -14.44
CA GLN A 176 11.49 -1.47 -15.44
C GLN A 176 10.19 -0.69 -15.56
N ALA A 177 9.06 -1.39 -15.62
CA ALA A 177 7.77 -0.72 -15.70
C ALA A 177 7.54 0.20 -14.51
N GLU A 179 10.18 1.40 -11.98
N GLU A 179 10.18 1.40 -11.98
CA GLU A 179 11.23 2.39 -11.73
CA GLU A 179 11.22 2.40 -11.72
C GLU A 179 11.47 3.29 -12.93
C GLU A 179 11.45 3.30 -12.93
N ARG A 180 11.25 2.78 -14.13
CA ARG A 180 11.53 3.52 -15.35
C ARG A 180 10.25 3.87 -16.11
N GLY A 181 9.08 3.63 -15.53
CA GLY A 181 7.82 3.97 -16.15
C GLY A 181 6.89 4.73 -15.23
N LEU A 182 6.34 4.04 -14.23
CA LEU A 182 5.28 4.61 -13.42
C LEU A 182 5.80 5.66 -12.45
N LEU A 183 6.89 5.35 -11.73
CA LEU A 183 7.42 6.34 -10.79
C LEU A 183 7.85 7.62 -11.49
N PRO A 184 8.55 7.61 -12.64
CA PRO A 184 8.79 8.88 -13.32
C PRO A 184 7.51 9.59 -13.74
N LYS A 185 6.49 8.85 -14.19
CA LYS A 185 5.24 9.50 -14.55
C LYS A 185 4.58 10.14 -13.33
N LEU A 186 4.71 9.52 -12.16
CA LEU A 186 4.16 10.11 -10.95
C LEU A 186 4.99 11.27 -10.44
N GLY A 187 6.22 11.43 -10.91
CA GLY A 187 7.07 12.50 -10.41
C GLY A 187 7.75 12.19 -9.10
N LEU A 188 7.91 10.91 -8.77
CA LEU A 188 8.50 10.50 -7.49
C LEU A 188 9.97 10.20 -7.75
N SER A 189 10.84 11.13 -7.37
CA SER A 189 12.27 11.04 -7.60
C SER A 189 13.05 10.46 -6.43
N HIS A 190 12.37 10.14 -5.32
CA HIS A 190 13.02 9.57 -4.15
C HIS A 190 12.27 8.35 -3.67
N THR A 191 11.79 7.57 -4.64
CA THR A 191 11.08 6.32 -4.40
C THR A 191 11.72 5.29 -5.31
N PHE A 192 12.09 4.13 -4.75
CA PHE A 192 13.01 3.21 -5.43
C PHE A 192 12.65 1.75 -5.16
N ILE A 193 12.91 0.90 -6.16
CA ILE A 193 13.04 -0.54 -5.90
C ILE A 193 14.46 -0.87 -5.43
N HIS A 194 15.46 -0.28 -6.07
CA HIS A 194 16.86 -0.40 -5.67
C HIS A 194 17.37 1.00 -5.36
N VAL A 195 17.76 1.24 -4.11
CA VAL A 195 18.25 2.55 -3.69
C VAL A 195 19.58 2.82 -4.37
N PRO A 196 19.68 3.89 -5.17
CA PRO A 196 20.94 4.15 -5.88
C PRO A 196 22.05 4.55 -4.92
N GLU A 197 23.26 4.40 -5.43
N GLU A 197 23.29 4.37 -5.37
CA GLU A 197 24.47 4.65 -4.67
CA GLU A 197 24.41 4.68 -4.48
C GLU A 197 24.50 6.07 -4.12
C GLU A 197 24.35 6.12 -3.99
N ALA A 198 23.95 7.03 -4.85
CA ALA A 198 23.96 8.44 -4.46
C ALA A 198 23.02 8.73 -3.29
N GLU A 199 22.04 7.86 -3.03
CA GLU A 199 21.11 8.05 -1.93
C GLU A 199 21.35 7.08 -0.78
N GLN A 200 22.40 6.26 -0.83
CA GLN A 200 22.62 5.30 0.23
C GLN A 200 22.89 5.99 1.56
N SER A 201 23.45 7.20 1.54
CA SER A 201 23.75 7.91 2.77
C SER A 201 22.50 8.34 3.53
N ARG A 202 21.34 8.40 2.86
CA ARG A 202 20.11 8.77 3.55
C ARG A 202 19.20 7.56 3.75
N TYR A 203 19.69 6.36 3.49
CA TYR A 203 18.92 5.12 3.61
C TYR A 203 18.99 4.65 5.07
N ALA A 204 17.86 4.65 5.76
CA ALA A 204 17.83 4.24 7.15
C ALA A 204 18.21 2.77 7.30
N TRP A 205 18.73 2.42 8.48
CA TRP A 205 19.00 1.04 8.84
C TRP A 205 17.80 0.48 9.60
N GLY A 206 17.50 -0.82 9.39
CA GLY A 206 16.42 -1.46 10.10
C GLY A 206 16.86 -2.17 11.36
N TYR A 207 15.92 -2.35 12.30
CA TYR A 207 16.23 -2.92 13.61
C TYR A 207 15.17 -3.92 14.04
N ALA A 208 15.62 -5.07 14.52
CA ALA A 208 14.70 -6.12 14.99
C ALA A 208 15.19 -6.72 16.29
N GLY A 219 14.41 -13.45 -3.40
CA GLY A 219 13.34 -12.49 -3.27
C GLY A 219 12.41 -12.46 -4.46
N VAL A 220 11.77 -13.61 -4.72
CA VAL A 220 10.95 -13.77 -5.91
C VAL A 220 9.72 -12.88 -5.82
N LEU A 221 9.53 -12.03 -6.84
CA LEU A 221 8.44 -11.05 -6.91
C LEU A 221 8.47 -10.09 -5.71
N ASP A 222 9.65 -9.89 -5.13
CA ASP A 222 9.74 -9.01 -3.97
C ASP A 222 9.43 -7.56 -4.35
N ALA A 223 9.84 -7.12 -5.55
CA ALA A 223 9.52 -5.77 -5.97
C ALA A 223 8.01 -5.52 -5.98
N GLU A 224 7.26 -6.47 -6.53
CA GLU A 224 5.80 -6.35 -6.61
C GLU A 224 5.16 -6.29 -5.22
N ALA A 225 5.68 -7.08 -4.28
CA ALA A 225 4.95 -7.30 -3.04
C ALA A 225 5.47 -6.48 -1.86
N TYR A 226 6.77 -6.20 -1.81
CA TYR A 226 7.27 -5.51 -0.61
C TYR A 226 8.56 -4.74 -0.83
N GLY A 227 8.98 -4.43 -2.06
CA GLY A 227 10.31 -3.94 -2.31
C GLY A 227 10.55 -2.45 -2.43
N ILE A 228 9.52 -1.61 -2.30
CA ILE A 228 9.69 -0.17 -2.50
C ILE A 228 10.29 0.47 -1.26
N LYS A 229 11.19 1.43 -1.48
CA LYS A 229 11.73 2.31 -0.45
C LYS A 229 11.39 3.75 -0.80
N SER A 230 11.09 4.56 0.21
CA SER A 230 10.73 5.95 -0.06
C SER A 230 11.02 6.79 1.17
N SER A 231 10.96 8.09 1.00
CA SER A 231 11.06 9.05 2.09
C SER A 231 9.65 9.51 2.50
N ALA A 232 9.57 10.12 3.69
CA ALA A 232 8.29 10.68 4.12
C ALA A 232 7.83 11.78 3.17
N ALA A 233 8.77 12.60 2.68
CA ALA A 233 8.38 13.66 1.75
C ALA A 233 7.85 13.08 0.44
N ASP A 234 8.53 12.07 -0.11
CA ASP A 234 8.05 11.51 -1.37
C ASP A 234 6.75 10.77 -1.17
N LEU A 235 6.60 10.07 -0.03
CA LEU A 235 5.38 9.31 0.17
C LEU A 235 4.20 10.24 0.44
N LEU A 236 4.44 11.39 1.08
CA LEU A 236 3.38 12.39 1.21
C LEU A 236 2.97 12.93 -0.16
N LYS A 237 3.94 13.17 -1.05
CA LYS A 237 3.61 13.55 -2.41
C LYS A 237 2.78 12.47 -3.10
N TYR A 238 3.13 11.20 -2.86
CA TYR A 238 2.34 10.08 -3.38
C TYR A 238 0.90 10.13 -2.89
N LEU A 239 0.69 10.35 -1.59
CA LEU A 239 -0.69 10.47 -1.12
C LEU A 239 -1.40 11.65 -1.76
N ALA A 240 -0.72 12.79 -1.90
CA ALA A 240 -1.32 13.94 -2.56
C ALA A 240 -1.74 13.61 -3.99
N ILE A 241 -0.91 12.85 -4.71
CA ILE A 241 -1.23 12.43 -6.07
C ILE A 241 -2.44 11.50 -6.09
N ASN A 242 -2.55 10.63 -5.07
CA ASN A 242 -3.70 9.72 -4.99
C ASN A 242 -5.01 10.48 -4.75
N SER A 244 -5.42 14.04 -5.44
CA SER A 244 -5.54 15.15 -6.39
C SER A 244 -4.73 14.73 -7.59
N PRO A 245 -5.32 13.91 -8.46
CA PRO A 245 -4.52 13.23 -9.49
C PRO A 245 -3.90 14.22 -10.46
N PRO A 246 -2.75 13.87 -11.03
CA PRO A 246 -2.17 14.71 -12.08
C PRO A 246 -3.01 14.68 -13.35
N ALA A 247 -2.58 15.41 -14.35
CA ALA A 247 -3.44 15.68 -15.50
C ALA A 247 -3.61 14.46 -16.40
N ASP A 248 -2.61 13.60 -16.49
CA ASP A 248 -2.63 12.49 -17.45
C ASP A 248 -3.87 11.60 -17.25
N PRO A 249 -4.77 11.51 -18.24
CA PRO A 249 -6.00 10.72 -18.02
C PRO A 249 -5.77 9.25 -17.76
N ALA A 250 -4.74 8.64 -18.36
CA ALA A 250 -4.48 7.23 -18.04
C ALA A 250 -4.08 7.06 -16.58
N LEU A 251 -3.33 8.02 -16.04
N LEU A 251 -3.31 8.02 -16.05
CA LEU A 251 -2.96 7.94 -14.63
CA LEU A 251 -2.95 7.97 -14.63
C LEU A 251 -4.16 8.17 -13.73
C LEU A 251 -4.17 8.15 -13.75
N GLN A 252 -5.07 9.07 -14.12
CA GLN A 252 -6.29 9.27 -13.33
C GLN A 252 -7.10 7.99 -13.28
N ARG A 253 -7.26 7.31 -14.43
N ARG A 253 -7.27 7.32 -14.43
CA ARG A 253 -8.01 6.07 -14.42
CA ARG A 253 -8.00 6.06 -14.45
C ARG A 253 -7.27 4.97 -13.66
C ARG A 253 -7.28 4.99 -13.63
N ALA A 254 -5.94 4.95 -13.73
CA ALA A 254 -5.17 3.97 -12.97
C ALA A 254 -5.36 4.14 -11.48
N LEU A 255 -5.31 5.40 -11.02
CA LEU A 255 -5.52 5.68 -9.60
C LEU A 255 -6.94 5.30 -9.17
N ASP A 256 -7.93 5.67 -9.99
CA ASP A 256 -9.31 5.30 -9.68
C ASP A 256 -9.47 3.79 -9.56
N ALA A 257 -8.91 3.05 -10.51
CA ALA A 257 -9.01 1.59 -10.47
C ALA A 257 -8.41 1.03 -9.19
N SER A 258 -7.28 1.62 -8.73
CA SER A 258 -6.65 1.09 -7.52
C SER A 258 -7.45 1.41 -6.27
N HIS A 259 -8.22 2.50 -6.30
CA HIS A 259 -9.03 2.92 -5.15
C HIS A 259 -10.40 2.26 -5.09
N ALA A 260 -10.90 1.74 -6.21
CA ALA A 260 -12.25 1.21 -6.27
C ALA A 260 -12.43 0.07 -5.27
N ALA A 261 -13.68 -0.14 -4.86
CA ALA A 261 -14.01 -1.26 -4.00
C ALA A 261 -14.49 -2.43 -4.84
N TYR A 262 -13.73 -3.53 -4.83
CA TYR A 262 -14.10 -4.72 -5.59
C TYR A 262 -14.88 -5.73 -4.76
N TYR A 263 -14.57 -5.84 -3.47
CA TYR A 263 -15.41 -6.59 -2.54
C TYR A 263 -15.26 -5.96 -1.16
N ARG A 264 -16.15 -6.37 -0.27
CA ARG A 264 -16.10 -5.99 1.14
C ARG A 264 -15.75 -7.21 1.98
N VAL A 265 -14.90 -6.99 2.98
CA VAL A 265 -14.72 -7.92 4.09
C VAL A 265 -15.14 -7.15 5.33
N GLY A 266 -16.39 -7.34 5.78
CA GLY A 266 -16.92 -6.47 6.81
C GLY A 266 -16.93 -5.04 6.32
N ASP A 267 -16.31 -4.16 7.11
CA ASP A 267 -16.22 -2.74 6.77
C ASP A 267 -15.12 -2.43 5.78
N ARG A 269 -12.98 -2.35 2.46
CA ARG A 269 -13.26 -2.34 1.03
C ARG A 269 -11.96 -2.59 0.29
N GLN A 270 -11.85 -3.73 -0.39
CA GLN A 270 -10.60 -4.12 -1.02
C GLN A 270 -10.45 -3.46 -2.39
N GLY A 271 -9.41 -2.63 -2.54
CA GLY A 271 -8.98 -2.11 -3.82
C GLY A 271 -7.85 -2.93 -4.41
N LEU A 272 -7.10 -2.31 -5.31
CA LEU A 272 -5.89 -2.94 -5.84
C LEU A 272 -4.74 -2.46 -4.96
N GLY A 273 -4.35 -3.29 -3.99
CA GLY A 273 -3.37 -2.89 -2.99
C GLY A 273 -3.99 -2.05 -1.89
N TRP A 274 -4.57 -0.91 -2.25
CA TRP A 274 -5.27 -0.07 -1.27
C TRP A 274 -6.40 -0.83 -0.60
N GLU A 275 -6.62 -0.50 0.68
CA GLU A 275 -7.75 -0.98 1.46
C GLU A 275 -8.49 0.23 2.00
N GLY A 276 -9.82 0.24 1.82
CA GLY A 276 -10.63 1.41 2.13
C GLY A 276 -11.75 1.14 3.14
N TYR A 277 -12.32 2.25 3.61
CA TYR A 277 -13.37 2.25 4.62
C TYR A 277 -14.28 3.43 4.36
N ARG A 278 -15.59 3.23 4.47
CA ARG A 278 -16.47 4.39 4.47
C ARG A 278 -16.15 5.24 5.70
N TYR A 279 -16.18 6.55 5.51
CA TYR A 279 -15.64 7.51 6.45
C TYR A 279 -16.71 8.54 6.77
N PRO A 280 -16.82 8.97 8.03
CA PRO A 280 -16.02 8.61 9.21
C PRO A 280 -16.16 7.15 9.65
N ILE A 281 -15.12 6.64 10.27
CA ILE A 281 -15.03 5.26 10.72
C ILE A 281 -14.54 5.27 12.16
N SER A 282 -15.02 4.32 12.94
CA SER A 282 -14.55 4.18 14.32
C SER A 282 -13.15 3.58 14.36
N LEU A 283 -12.46 3.82 15.48
CA LEU A 283 -11.15 3.22 15.67
C LEU A 283 -11.25 1.70 15.69
N GLU A 284 -12.26 1.16 16.38
CA GLU A 284 -12.38 -0.29 16.50
C GLU A 284 -12.48 -0.95 15.12
N ARG A 285 -13.26 -0.37 14.21
CA ARG A 285 -13.40 -0.97 12.89
C ARG A 285 -12.12 -0.85 12.07
N LEU A 286 -11.39 0.25 12.23
CA LEU A 286 -10.12 0.39 11.52
C LEU A 286 -9.06 -0.56 12.08
N LEU A 287 -9.06 -0.76 13.40
CA LEU A 287 -8.19 -1.76 14.03
C LEU A 287 -8.52 -3.16 13.51
N ALA A 288 -9.82 -3.50 13.49
CA ALA A 288 -10.22 -4.83 13.04
C ALA A 288 -9.80 -5.09 11.60
N GLY A 289 -10.00 -4.10 10.73
CA GLY A 289 -9.66 -4.28 9.33
C GLY A 289 -8.17 -4.40 9.05
N ASN A 290 -7.34 -3.91 9.97
CA ASN A 290 -5.89 -4.00 9.88
C ASN A 290 -5.30 -5.06 10.80
N SER A 291 -6.10 -6.02 11.23
CA SER A 291 -5.69 -6.99 12.23
C SER A 291 -4.98 -8.19 11.59
N ASN A 292 -4.26 -8.92 12.44
CA ASN A 292 -3.66 -10.19 12.00
C ASN A 292 -4.74 -11.21 11.66
N GLU A 293 -5.88 -11.14 12.34
N GLU A 293 -5.90 -11.14 12.32
CA GLU A 293 -6.99 -12.04 12.03
CA GLU A 293 -6.98 -12.07 12.02
C GLU A 293 -7.39 -11.92 10.56
C GLU A 293 -7.45 -11.92 10.57
N ILE A 294 -7.54 -10.69 10.07
CA ILE A 294 -7.97 -10.52 8.69
C ILE A 294 -6.84 -10.86 7.72
N ALA A 295 -5.59 -10.67 8.13
CA ALA A 295 -4.45 -10.95 7.25
C ALA A 295 -4.17 -12.44 7.13
N PHE A 296 -4.25 -13.18 8.23
CA PHE A 296 -3.67 -14.51 8.30
C PHE A 296 -4.70 -15.63 8.33
N GLN A 297 -5.98 -15.30 8.18
CA GLN A 297 -7.03 -16.30 8.10
C GLN A 297 -7.84 -16.07 6.83
N PRO A 298 -8.35 -17.13 6.21
CA PRO A 298 -9.19 -16.95 5.02
C PRO A 298 -10.50 -16.29 5.40
N GLN A 299 -10.92 -15.33 4.58
CA GLN A 299 -12.10 -14.52 4.87
C GLN A 299 -13.12 -14.65 3.75
N LYS A 300 -14.38 -14.79 4.15
CA LYS A 300 -15.47 -14.63 3.20
C LYS A 300 -15.56 -13.18 2.76
N VAL A 301 -15.97 -12.97 1.50
CA VAL A 301 -16.08 -11.63 0.95
C VAL A 301 -17.45 -11.45 0.33
N GLU A 302 -17.81 -10.18 0.13
CA GLU A 302 -18.99 -9.82 -0.63
C GLU A 302 -18.55 -9.00 -1.84
N TRP A 303 -18.63 -9.60 -3.03
CA TRP A 303 -18.23 -8.91 -4.24
C TRP A 303 -19.24 -7.83 -4.61
N LEU A 304 -18.73 -6.69 -5.08
CA LEU A 304 -19.56 -5.58 -5.53
C LEU A 304 -19.66 -5.59 -7.04
N ASN A 305 -20.88 -5.53 -7.57
CA ASN A 305 -21.06 -5.49 -9.01
C ASN A 305 -21.95 -4.32 -9.41
N PRO A 306 -21.38 -3.32 -10.08
CA PRO A 306 -19.97 -3.21 -10.48
C PRO A 306 -19.10 -2.73 -9.32
N PRO A 307 -17.79 -2.68 -9.49
CA PRO A 307 -16.94 -2.07 -8.47
C PRO A 307 -17.37 -0.63 -8.22
N ARG A 308 -17.19 -0.19 -6.99
N ARG A 308 -17.15 -0.17 -7.01
CA ARG A 308 -17.69 1.10 -6.53
CA ARG A 308 -17.63 1.14 -6.59
C ARG A 308 -16.51 2.04 -6.30
C ARG A 308 -16.46 2.08 -6.35
N LEU A 309 -16.57 3.22 -6.92
N LEU A 309 -16.44 3.19 -7.07
CA LEU A 309 -15.58 4.26 -6.71
CA LEU A 309 -15.62 4.35 -6.71
C LEU A 309 -16.29 5.44 -6.06
C LEU A 309 -16.56 5.28 -5.95
N ALA A 310 -16.22 5.51 -4.73
N ALA A 310 -16.51 5.20 -4.63
CA ALA A 310 -16.78 6.60 -3.95
CA ALA A 310 -17.58 5.72 -3.79
C ALA A 310 -15.63 7.32 -3.24
C ALA A 310 -17.81 7.20 -3.99
N GLU A 311 -14.81 8.03 -4.02
N GLU A 311 -19.09 7.60 -4.00
CA GLU A 311 -13.64 8.70 -3.46
CA GLU A 311 -19.44 9.01 -3.90
C GLU A 311 -14.04 9.74 -2.41
C GLU A 311 -19.35 9.47 -2.45
N GLY A 312 -15.24 10.31 -2.52
N GLY A 312 -19.80 8.64 -1.51
CA GLY A 312 -15.72 11.20 -1.48
CA GLY A 312 -19.64 8.97 -0.11
C GLY A 312 -16.11 10.41 -0.24
C GLY A 312 -18.20 8.90 0.33
N ASP A 313 -15.58 10.83 0.91
N ASP A 313 -17.93 9.50 1.49
CA ASP A 313 -15.91 10.26 2.22
CA ASP A 313 -16.55 9.67 1.93
C ASP A 313 -15.57 8.77 2.29
C ASP A 313 -15.91 8.32 2.24
N VAL A 314 -14.40 8.41 1.77
N VAL A 314 -14.62 8.21 1.90
CA VAL A 314 -13.77 7.12 2.03
CA VAL A 314 -13.85 7.00 2.10
C VAL A 314 -12.43 7.42 2.69
C VAL A 314 -12.49 7.38 2.68
N LEU A 315 -11.97 6.48 3.51
CA LEU A 315 -10.60 6.54 4.02
C LEU A 315 -9.86 5.36 3.39
N LEU A 316 -8.68 5.62 2.82
CA LEU A 316 -7.87 4.59 2.21
C LEU A 316 -6.57 4.46 2.98
N ASN A 317 -6.05 3.24 3.12
CA ASN A 317 -4.85 3.07 3.93
C ASN A 317 -4.10 1.82 3.50
N LYS A 318 -2.87 1.69 4.03
CA LYS A 318 -2.13 0.44 3.88
C LYS A 318 -1.00 0.40 4.90
N THR A 319 -0.88 -0.75 5.57
CA THR A 319 0.27 -1.04 6.41
C THR A 319 1.38 -1.68 5.58
N GLY A 320 2.61 -1.49 6.01
CA GLY A 320 3.70 -2.18 5.36
C GLY A 320 4.84 -2.48 6.31
N SER A 321 5.36 -3.70 6.26
CA SER A 321 6.43 -4.09 7.17
C SER A 321 7.48 -4.91 6.44
N THR A 322 8.70 -4.81 6.95
CA THR A 322 9.79 -5.75 6.65
C THR A 322 10.44 -6.14 7.97
N SER A 323 11.48 -6.97 7.88
CA SER A 323 12.12 -7.48 9.09
C SER A 323 12.51 -6.35 10.05
N GLY A 324 13.01 -5.24 9.51
CA GLY A 324 13.45 -4.16 10.37
C GLY A 324 12.71 -2.84 10.23
N PHE A 325 11.55 -2.83 9.57
CA PHE A 325 10.87 -1.58 9.24
C PHE A 325 9.37 -1.71 9.44
N GLY A 326 8.74 -0.60 9.79
CA GLY A 326 7.31 -0.55 9.95
C GLY A 326 6.76 0.77 9.46
N ALA A 327 5.86 0.69 8.47
CA ALA A 327 5.31 1.86 7.80
C ALA A 327 3.78 1.81 7.80
N TYR A 328 3.17 2.99 7.66
CA TYR A 328 1.72 3.10 7.55
C TYR A 328 1.38 4.39 6.82
N VAL A 329 0.40 4.30 5.92
CA VAL A 329 -0.15 5.49 5.27
C VAL A 329 -1.67 5.44 5.33
N LEU A 330 -2.28 6.62 5.40
CA LEU A 330 -3.72 6.73 5.21
C LEU A 330 -4.02 8.09 4.58
N PHE A 331 -5.11 8.15 3.83
CA PHE A 331 -5.55 9.43 3.30
C PHE A 331 -7.07 9.43 3.17
N VAL A 332 -7.64 10.63 3.20
CA VAL A 332 -9.08 10.82 3.10
C VAL A 332 -9.30 11.86 2.00
N PRO A 333 -9.63 11.43 0.78
CA PRO A 333 -9.71 12.37 -0.34
C PRO A 333 -10.66 13.53 -0.10
N ALA A 334 -11.82 13.29 0.51
CA ALA A 334 -12.79 14.38 0.69
C ALA A 334 -12.21 15.49 1.56
N ARG A 335 -11.36 15.14 2.52
N ARG A 335 -11.33 15.14 2.48
CA ARG A 335 -10.76 16.10 3.43
CA ARG A 335 -10.75 16.10 3.41
C ARG A 335 -9.42 16.63 2.94
C ARG A 335 -9.37 16.57 2.99
N LYS A 336 -8.84 16.03 1.90
CA LYS A 336 -7.48 16.35 1.44
C LYS A 336 -6.49 16.25 2.60
N VAL A 337 -6.57 15.15 3.33
CA VAL A 337 -5.67 14.86 4.45
C VAL A 337 -4.93 13.57 4.17
N GLY A 338 -3.62 13.58 4.33
CA GLY A 338 -2.82 12.38 4.23
C GLY A 338 -1.88 12.29 5.41
N ILE A 339 -1.63 11.07 5.87
CA ILE A 339 -0.72 10.80 6.98
C ILE A 339 0.27 9.73 6.56
N VAL A 340 1.56 9.99 6.79
CA VAL A 340 2.65 9.06 6.55
C VAL A 340 3.37 8.82 7.87
N LEU A 342 6.70 6.49 8.98
CA LEU A 342 7.77 5.58 8.61
C LEU A 342 8.69 5.37 9.80
N ALA A 343 8.97 4.11 10.13
CA ALA A 343 9.82 3.77 11.27
C ALA A 343 10.83 2.70 10.88
N ASN A 344 11.99 2.72 11.53
CA ASN A 344 12.98 1.66 11.32
C ASN A 344 12.94 0.63 12.45
N ARG A 345 11.73 0.26 12.88
CA ARG A 345 11.48 -0.97 13.61
C ARG A 345 10.10 -1.47 13.21
N ASN A 346 9.96 -2.79 13.09
CA ASN A 346 8.68 -3.41 12.74
C ASN A 346 7.86 -3.64 14.01
N TYR A 347 7.09 -2.62 14.39
CA TYR A 347 6.28 -2.64 15.60
C TYR A 347 4.81 -2.87 15.24
N PRO A 348 3.96 -3.25 16.22
CA PRO A 348 2.64 -3.80 15.86
C PRO A 348 1.79 -2.84 15.03
N ASN A 349 1.14 -3.41 14.00
CA ASN A 349 0.27 -2.62 13.13
C ASN A 349 -0.81 -1.89 13.92
N ALA A 350 -1.33 -2.51 14.99
CA ALA A 350 -2.40 -1.87 15.74
C ALA A 350 -1.94 -0.55 16.35
N GLU A 351 -0.67 -0.46 16.76
CA GLU A 351 -0.15 0.80 17.29
C GLU A 351 0.01 1.86 16.20
N ARG A 352 0.31 1.44 14.97
CA ARG A 352 0.34 2.39 13.85
C ARG A 352 -1.04 3.00 13.65
N VAL A 353 -2.06 2.15 13.59
CA VAL A 353 -3.43 2.60 13.35
C VAL A 353 -3.88 3.54 14.47
N ARG A 354 -3.64 3.15 15.74
CA ARG A 354 -4.05 3.97 16.87
C ARG A 354 -3.42 5.35 16.81
N ALA A 355 -2.11 5.41 16.54
CA ALA A 355 -1.45 6.71 16.46
C ALA A 355 -1.98 7.54 15.30
N ALA A 356 -2.12 6.92 14.13
CA ALA A 356 -2.63 7.67 12.98
C ALA A 356 -4.04 8.17 13.24
N TYR A 357 -4.87 7.38 13.93
CA TYR A 357 -6.24 7.79 14.19
C TYR A 357 -6.27 9.00 15.12
N ARG A 358 -5.38 9.03 16.11
CA ARG A 358 -5.32 10.17 17.01
C ARG A 358 -4.88 11.43 16.27
N ILE A 359 -3.93 11.28 15.34
CA ILE A 359 -3.50 12.43 14.55
C ILE A 359 -4.61 12.90 13.61
N LEU A 360 -5.30 11.95 12.97
CA LEU A 360 -6.40 12.30 12.08
C LEU A 360 -7.53 12.98 12.84
N SER A 361 -7.81 12.51 14.06
CA SER A 361 -8.86 13.12 14.86
C SER A 361 -8.57 14.58 15.20
N ALA A 362 -7.29 14.96 15.32
CA ALA A 362 -6.93 16.34 15.60
C ALA A 362 -7.07 17.25 14.40
N VAL A 363 -6.99 16.68 13.20
CA VAL A 363 -7.13 17.45 11.97
C VAL A 363 -8.58 17.49 11.47
N ASP A 364 -9.39 16.49 11.82
CA ASP A 364 -10.75 16.40 11.28
C ASP A 364 -11.77 16.34 12.41
N PRO A 365 -12.53 17.42 12.64
CA PRO A 365 -13.48 17.44 13.76
C PRO A 365 -14.62 16.46 13.62
N SER A 366 -14.93 16.02 12.39
CA SER A 366 -16.02 15.07 12.21
C SER A 366 -15.72 13.74 12.87
N LEU A 367 -14.46 13.47 13.20
CA LEU A 367 -14.04 12.18 13.74
C LEU A 367 -14.21 12.10 15.26
N VAL A 368 -13.73 13.11 15.99
CA VAL A 368 -13.91 13.11 17.44
C VAL A 368 -15.39 13.22 17.79
N ARG A 369 -16.18 13.82 16.90
N ARG A 369 -16.17 13.86 16.92
CA ARG A 369 -17.58 14.06 17.16
CA ARG A 369 -17.59 14.05 17.18
C ARG A 369 -18.37 12.75 17.34
C ARG A 369 -18.32 12.73 17.41
N ARG A 370 -17.89 11.67 16.73
CA ARG A 370 -18.54 10.36 16.84
C ARG A 370 -18.60 9.86 18.28
#